data_9G6Q
#
_entry.id   9G6Q
#
_cell.length_a   50.879
_cell.length_b   63.685
_cell.length_c   80.610
_cell.angle_alpha   90.00
_cell.angle_beta   90.00
_cell.angle_gamma   90.00
#
_symmetry.space_group_name_H-M   'P 21 21 21'
#
loop_
_entity.id
_entity.type
_entity.pdbx_description
1 polymer scFv-IP11
2 polymer scFv-IP11
3 non-polymer rocuronium
4 water water
#
loop_
_entity_poly.entity_id
_entity_poly.type
_entity_poly.pdbx_seq_one_letter_code
_entity_poly.pdbx_strand_id
1 'polypeptide(L)'
;QVQLQQSGAELARPGASVKLSCKASGYTFTSYGITWVKQRPGQGLEWIGEIYPRSTYTSYNEKFKGKATLTADKSSSTAY
MELRSLTSEDSAVYFCARAGNWGGENFFDYWGQGTTLTVSS
;
H
2 'polypeptide(L)'
;GTGGSGGGGSGGGGSGGGASDIVITQDELSNPVTSGESVSISCRSSKSLLYKDGKTYLNWFLQRPGQSPQLLIYLMSTRA
SGVSDRFSGSGSGTDFTLEIRRVKAEDVGVYYCQQLVEYPYTFGGGTKLEIK
;
L
#
loop_
_chem_comp.id
_chem_comp.type
_chem_comp.name
_chem_comp.formula
RBR non-polymer rocuronium 'C32 H53 N2 O4 1'
#
# COMPACT_ATOMS: atom_id res chain seq x y z
N GLN A 1 2.18 -21.13 1.06
CA GLN A 1 2.85 -19.83 0.76
C GLN A 1 1.91 -18.97 -0.09
N VAL A 2 1.53 -17.89 0.50
CA VAL A 2 0.69 -16.91 -0.20
C VAL A 2 1.55 -16.24 -1.27
N GLN A 3 1.04 -16.16 -2.48
CA GLN A 3 1.70 -15.46 -3.56
C GLN A 3 0.69 -14.69 -4.39
N LEU A 4 1.06 -13.46 -4.80
CA LEU A 4 0.33 -12.67 -5.76
C LEU A 4 1.27 -12.39 -6.91
N GLN A 5 0.92 -12.81 -8.10
CA GLN A 5 1.78 -12.71 -9.26
C GLN A 5 1.13 -11.81 -10.29
N GLN A 6 1.78 -10.73 -10.63
CA GLN A 6 1.26 -9.73 -11.54
C GLN A 6 1.78 -9.93 -12.96
N SER A 7 0.99 -9.44 -13.89
CA SER A 7 1.34 -9.49 -15.29
C SER A 7 2.55 -8.60 -15.59
N GLY A 8 3.15 -8.84 -16.75
CA GLY A 8 4.39 -8.17 -17.14
C GLY A 8 4.18 -6.71 -17.47
N ALA A 9 5.27 -5.95 -17.41
CA ALA A 9 5.29 -4.57 -17.79
C ALA A 9 4.76 -4.36 -19.20
N GLU A 10 4.14 -3.21 -19.40
CA GLU A 10 3.50 -2.85 -20.66
C GLU A 10 3.85 -1.42 -21.05
N LEU A 11 3.98 -1.26 -22.37
CA LEU A 11 4.02 0.01 -23.04
C LEU A 11 2.69 0.22 -23.76
N ALA A 12 2.08 1.36 -23.54
CA ALA A 12 0.81 1.67 -24.17
C ALA A 12 0.84 3.07 -24.78
N ARG A 13 -0.01 3.28 -25.79
CA ARG A 13 -0.19 4.56 -26.44
C ARG A 13 -1.24 5.39 -25.71
N PRO A 14 -1.12 6.72 -25.69
CA PRO A 14 -2.18 7.58 -25.19
C PRO A 14 -3.50 7.31 -25.89
N GLY A 15 -4.52 7.22 -25.05
CA GLY A 15 -5.86 6.95 -25.50
C GLY A 15 -6.23 5.48 -25.49
N ALA A 16 -5.24 4.59 -25.34
CA ALA A 16 -5.54 3.17 -25.32
C ALA A 16 -6.01 2.77 -23.92
N SER A 17 -6.35 1.51 -23.84
CA SER A 17 -6.66 0.86 -22.57
C SER A 17 -5.66 -0.26 -22.36
N VAL A 18 -5.51 -0.66 -21.10
CA VAL A 18 -4.75 -1.84 -20.75
C VAL A 18 -5.48 -2.57 -19.63
N LYS A 19 -5.27 -3.87 -19.52
CA LYS A 19 -5.85 -4.70 -18.49
C LYS A 19 -4.73 -5.45 -17.77
N LEU A 20 -4.51 -5.12 -16.51
CA LEU A 20 -3.47 -5.69 -15.67
C LEU A 20 -4.05 -6.82 -14.86
N SER A 21 -3.29 -7.88 -14.61
CA SER A 21 -3.79 -9.00 -13.84
C SER A 21 -2.95 -9.27 -12.60
N CYS A 22 -3.56 -9.93 -11.65
CA CYS A 22 -3.00 -10.29 -10.36
C CYS A 22 -3.52 -11.67 -10.00
N LYS A 23 -2.67 -12.69 -10.11
CA LYS A 23 -3.03 -14.08 -9.87
C LYS A 23 -2.65 -14.49 -8.46
N ALA A 24 -3.60 -14.97 -7.69
CA ALA A 24 -3.42 -15.32 -6.30
C ALA A 24 -3.29 -16.81 -6.15
N SER A 25 -2.44 -17.23 -5.24
CA SER A 25 -2.29 -18.65 -4.93
C SER A 25 -1.85 -18.82 -3.49
N GLY A 26 -2.08 -20.04 -2.96
CA GLY A 26 -1.60 -20.39 -1.64
C GLY A 26 -2.56 -20.14 -0.49
N TYR A 27 -3.79 -19.69 -0.81
CA TYR A 27 -4.84 -19.42 0.14
C TYR A 27 -6.17 -19.43 -0.61
N THR A 28 -7.26 -19.41 0.13
CA THR A 28 -8.60 -19.37 -0.46
C THR A 28 -8.87 -17.95 -0.97
N PHE A 29 -8.83 -17.75 -2.27
CA PHE A 29 -8.97 -16.44 -2.90
C PHE A 29 -10.23 -15.73 -2.42
N THR A 30 -11.36 -16.44 -2.38
CA THR A 30 -12.61 -15.82 -2.05
C THR A 30 -12.78 -15.57 -0.55
N SER A 31 -11.85 -15.94 0.30
CA SER A 31 -11.94 -15.60 1.72
C SER A 31 -11.41 -14.20 2.01
N TYR A 32 -10.85 -13.51 1.00
CA TYR A 32 -10.20 -12.22 1.18
C TYR A 32 -10.56 -11.34 -0.01
N GLY A 33 -9.99 -10.15 -0.05
CA GLY A 33 -10.12 -9.29 -1.19
C GLY A 33 -8.78 -8.98 -1.82
N ILE A 34 -8.81 -8.22 -2.91
CA ILE A 34 -7.61 -7.72 -3.56
C ILE A 34 -7.73 -6.21 -3.66
N THR A 35 -6.68 -5.50 -3.37
CA THR A 35 -6.65 -4.05 -3.42
C THR A 35 -5.51 -3.62 -4.31
N TRP A 36 -5.64 -2.46 -4.95
CA TRP A 36 -4.71 -1.98 -5.92
C TRP A 36 -4.17 -0.61 -5.52
N VAL A 37 -2.89 -0.40 -5.81
CA VAL A 37 -2.14 0.79 -5.42
C VAL A 37 -1.35 1.25 -6.62
N LYS A 38 -1.28 2.57 -6.79
CA LYS A 38 -0.52 3.22 -7.84
C LYS A 38 0.72 3.90 -7.24
N GLN A 39 1.83 3.76 -7.96
CA GLN A 39 3.03 4.58 -7.74
C GLN A 39 3.62 5.15 -9.02
N ARG A 40 3.44 6.48 -9.27
CA ARG A 40 4.04 7.18 -10.41
C ARG A 40 5.55 7.26 -10.20
N PRO A 41 6.36 7.27 -11.30
CA PRO A 41 7.82 7.19 -11.16
C PRO A 41 8.29 8.31 -10.23
N GLY A 42 9.08 7.91 -9.25
CA GLY A 42 9.66 8.85 -8.32
C GLY A 42 8.69 9.35 -7.25
N GLN A 43 7.43 8.88 -7.27
CA GLN A 43 6.39 9.48 -6.43
C GLN A 43 5.93 8.47 -5.37
N GLY A 44 4.92 8.92 -4.59
CA GLY A 44 4.36 8.25 -3.41
C GLY A 44 3.43 7.10 -3.82
N LEU A 45 2.64 6.63 -2.87
CA LEU A 45 1.63 5.59 -3.08
C LEU A 45 0.27 6.20 -3.02
N GLU A 46 -0.63 5.67 -3.85
CA GLU A 46 -2.03 6.09 -3.89
C GLU A 46 -2.91 4.84 -3.91
N TRP A 47 -3.96 4.84 -3.17
CA TRP A 47 -4.91 3.73 -3.17
C TRP A 47 -5.93 3.89 -4.30
N ILE A 48 -6.14 2.85 -5.11
CA ILE A 48 -7.09 2.87 -6.21
C ILE A 48 -8.44 2.32 -5.78
N GLY A 49 -8.48 1.11 -5.21
CA GLY A 49 -9.73 0.48 -4.88
C GLY A 49 -9.52 -0.96 -4.44
N GLU A 50 -10.60 -1.59 -4.03
CA GLU A 50 -10.58 -2.97 -3.57
C GLU A 50 -11.75 -3.74 -4.14
N ILE A 51 -11.60 -5.06 -4.22
CA ILE A 51 -12.65 -5.96 -4.69
C ILE A 51 -12.59 -7.21 -3.85
N TYR A 52 -13.78 -7.71 -3.48
CA TYR A 52 -13.95 -8.90 -2.66
C TYR A 52 -14.72 -9.87 -3.49
N PRO A 53 -14.09 -10.89 -4.10
CA PRO A 53 -14.77 -11.71 -5.09
C PRO A 53 -15.95 -12.50 -4.56
N ARG A 54 -16.00 -12.86 -3.30
CA ARG A 54 -17.10 -13.69 -2.79
C ARG A 54 -18.42 -12.95 -2.84
N SER A 55 -18.43 -11.72 -2.35
CA SER A 55 -19.64 -10.90 -2.27
C SER A 55 -19.77 -10.00 -3.47
N THR A 56 -18.71 -9.81 -4.26
CA THR A 56 -18.59 -8.84 -5.35
C THR A 56 -18.38 -7.39 -4.90
N TYR A 57 -18.33 -7.18 -3.59
CA TYR A 57 -18.13 -5.84 -3.06
C TYR A 57 -16.91 -5.17 -3.67
N THR A 58 -17.08 -3.92 -4.05
CA THR A 58 -16.00 -3.06 -4.46
C THR A 58 -16.04 -1.75 -3.69
N SER A 59 -14.86 -1.14 -3.57
CA SER A 59 -14.76 0.23 -3.13
C SER A 59 -13.71 0.94 -3.95
N TYR A 60 -13.94 2.15 -4.39
CA TYR A 60 -13.03 2.88 -5.22
C TYR A 60 -12.66 4.21 -4.57
N ASN A 61 -11.44 4.63 -4.74
CA ASN A 61 -11.09 6.03 -4.54
C ASN A 61 -11.75 6.81 -5.67
N GLU A 62 -12.50 7.88 -5.30
CA GLU A 62 -13.16 8.70 -6.33
C GLU A 62 -12.23 9.21 -7.41
N LYS A 63 -10.99 9.45 -7.07
CA LYS A 63 -9.98 9.89 -8.00
C LYS A 63 -9.85 8.95 -9.20
N PHE A 64 -10.09 7.64 -8.96
CA PHE A 64 -9.86 6.66 -10.00
C PHE A 64 -11.11 6.05 -10.55
N LYS A 65 -12.29 6.51 -10.12
CA LYS A 65 -13.52 5.99 -10.66
C LYS A 65 -13.56 6.34 -12.14
N GLY A 66 -13.95 5.38 -12.97
CA GLY A 66 -13.93 5.67 -14.41
C GLY A 66 -12.55 5.83 -15.11
N LYS A 67 -11.44 5.79 -14.40
CA LYS A 67 -10.12 5.48 -14.94
C LYS A 67 -9.84 3.98 -14.79
N ALA A 68 -10.15 3.45 -13.61
CA ALA A 68 -9.83 2.06 -13.26
C ALA A 68 -11.12 1.29 -13.08
N THR A 69 -11.17 0.08 -13.59
CA THR A 69 -12.29 -0.83 -13.37
C THR A 69 -11.73 -2.12 -12.78
N LEU A 70 -12.20 -2.52 -11.62
CA LEU A 70 -11.73 -3.74 -10.95
C LEU A 70 -12.70 -4.87 -11.18
N THR A 71 -12.18 -6.00 -11.63
CA THR A 71 -12.95 -7.23 -11.76
C THR A 71 -12.16 -8.37 -11.17
N ALA A 72 -12.84 -9.50 -11.01
CA ALA A 72 -12.21 -10.70 -10.50
C ALA A 72 -12.84 -11.92 -11.10
N ASP A 73 -12.03 -12.95 -11.34
CA ASP A 73 -12.51 -14.23 -11.87
C ASP A 73 -12.25 -15.28 -10.82
N LYS A 74 -13.26 -15.68 -10.09
CA LYS A 74 -13.14 -16.70 -9.08
C LYS A 74 -12.68 -18.03 -9.68
N SER A 75 -12.96 -18.29 -10.93
CA SER A 75 -12.62 -19.57 -11.53
C SER A 75 -11.15 -19.73 -11.78
N SER A 76 -10.35 -18.64 -11.71
CA SER A 76 -8.92 -18.70 -11.89
C SER A 76 -8.16 -17.95 -10.80
N SER A 77 -8.83 -17.55 -9.75
CA SER A 77 -8.21 -16.78 -8.66
C SER A 77 -7.42 -15.60 -9.21
N THR A 78 -7.97 -14.87 -10.16
CA THR A 78 -7.29 -13.75 -10.78
C THR A 78 -8.13 -12.49 -10.62
N ALA A 79 -7.49 -11.42 -10.19
CA ALA A 79 -8.03 -10.07 -10.17
C ALA A 79 -7.49 -9.28 -11.32
N TYR A 80 -8.33 -8.41 -11.89
CA TYR A 80 -7.96 -7.57 -13.02
C TYR A 80 -8.23 -6.13 -12.75
N MET A 81 -7.39 -5.26 -13.32
CA MET A 81 -7.65 -3.83 -13.28
C MET A 81 -7.47 -3.31 -14.69
N GLU A 82 -8.56 -2.77 -15.24
CA GLU A 82 -8.53 -2.17 -16.56
C GLU A 82 -8.38 -0.68 -16.41
N LEU A 83 -7.42 -0.09 -17.10
CA LEU A 83 -7.17 1.34 -17.09
C LEU A 83 -7.49 1.88 -18.48
N ARG A 84 -8.42 2.85 -18.57
CA ARG A 84 -8.92 3.36 -19.84
C ARG A 84 -8.42 4.78 -20.08
N SER A 85 -8.48 5.16 -21.37
CA SER A 85 -8.21 6.53 -21.83
C SER A 85 -6.85 7.00 -21.33
N LEU A 86 -5.83 6.20 -21.64
CA LEU A 86 -4.55 6.39 -20.95
C LEU A 86 -3.93 7.75 -21.32
N THR A 87 -3.25 8.36 -20.38
CA THR A 87 -2.43 9.56 -20.52
C THR A 87 -1.11 9.34 -19.81
N SER A 88 -0.16 10.26 -20.01
CA SER A 88 1.12 10.19 -19.35
C SER A 88 0.97 10.14 -17.83
N GLU A 89 -0.06 10.74 -17.23
CA GLU A 89 -0.26 10.69 -15.79
C GLU A 89 -0.52 9.25 -15.33
N ASP A 90 -0.84 8.34 -16.24
CA ASP A 90 -1.13 6.95 -15.88
C ASP A 90 0.13 6.10 -15.84
N SER A 91 1.26 6.63 -16.31
CA SER A 91 2.53 5.90 -16.18
C SER A 91 2.84 5.75 -14.71
N ALA A 92 3.04 4.50 -14.27
CA ALA A 92 3.24 4.21 -12.87
C ALA A 92 3.59 2.73 -12.78
N VAL A 93 3.97 2.33 -11.57
CA VAL A 93 3.95 0.95 -11.15
C VAL A 93 2.62 0.73 -10.43
N TYR A 94 1.91 -0.33 -10.83
CA TYR A 94 0.64 -0.67 -10.19
C TYR A 94 0.85 -1.97 -9.42
N PHE A 95 0.49 -1.96 -8.16
CA PHE A 95 0.59 -3.11 -7.27
C PHE A 95 -0.78 -3.63 -6.95
N CYS A 96 -0.89 -4.96 -6.81
CA CYS A 96 -1.99 -5.55 -6.10
C CYS A 96 -1.53 -6.05 -4.75
N ALA A 97 -2.45 -6.19 -3.80
CA ALA A 97 -2.17 -6.65 -2.47
C ALA A 97 -3.40 -7.30 -1.90
N ARG A 98 -3.26 -8.12 -0.89
CA ARG A 98 -4.40 -8.73 -0.25
C ARG A 98 -5.10 -7.71 0.61
N ALA A 99 -6.42 -7.84 0.68
CA ALA A 99 -7.27 -7.07 1.57
C ALA A 99 -7.99 -8.05 2.48
N GLY A 100 -8.22 -7.63 3.74
CA GLY A 100 -8.62 -8.54 4.79
C GLY A 100 -10.09 -8.41 5.19
N ASN A 101 -10.39 -8.91 6.38
CA ASN A 101 -11.77 -8.99 6.83
C ASN A 101 -11.91 -8.09 8.05
N TRP A 102 -13.16 -8.00 8.54
CA TRP A 102 -13.40 -7.28 9.77
C TRP A 102 -12.42 -7.73 10.85
N GLY A 103 -11.95 -6.75 11.59
CA GLY A 103 -10.95 -6.99 12.62
C GLY A 103 -9.55 -6.51 12.20
N GLY A 104 -9.35 -6.21 10.92
CA GLY A 104 -8.12 -5.57 10.51
C GLY A 104 -6.94 -6.48 10.22
N GLU A 105 -7.11 -7.78 10.22
CA GLU A 105 -6.05 -8.69 9.84
C GLU A 105 -6.02 -8.83 8.32
N ASN A 106 -4.84 -9.14 7.81
CA ASN A 106 -4.65 -9.47 6.40
C ASN A 106 -4.93 -8.32 5.42
N PHE A 107 -4.63 -7.08 5.85
CA PHE A 107 -4.72 -5.89 5.00
C PHE A 107 -3.34 -5.48 4.57
N PHE A 108 -3.08 -5.63 3.28
CA PHE A 108 -1.81 -5.25 2.68
C PHE A 108 -0.68 -6.10 3.25
N ASP A 109 -0.93 -7.34 3.64
CA ASP A 109 0.06 -8.22 4.20
C ASP A 109 0.92 -8.84 3.11
N TYR A 110 0.37 -9.24 1.99
CA TYR A 110 1.08 -9.79 0.84
C TYR A 110 0.78 -8.86 -0.32
N TRP A 111 1.79 -8.66 -1.17
CA TRP A 111 1.79 -7.80 -2.34
C TRP A 111 2.26 -8.56 -3.55
N GLY A 112 1.75 -8.21 -4.71
CA GLY A 112 2.37 -8.57 -5.97
C GLY A 112 3.66 -7.81 -6.16
N GLN A 113 4.39 -8.16 -7.20
CA GLN A 113 5.69 -7.55 -7.47
C GLN A 113 5.57 -6.27 -8.25
N GLY A 114 4.35 -5.86 -8.62
CA GLY A 114 4.11 -4.65 -9.36
C GLY A 114 4.19 -4.88 -10.87
N THR A 115 3.39 -4.11 -11.61
CA THR A 115 3.41 -4.06 -13.07
C THR A 115 3.71 -2.62 -13.46
N THR A 116 4.81 -2.41 -14.18
CA THR A 116 5.12 -1.10 -14.72
C THR A 116 4.28 -0.86 -15.98
N LEU A 117 3.56 0.23 -15.99
CA LEU A 117 2.94 0.77 -17.21
C LEU A 117 3.64 2.06 -17.62
N THR A 118 4.09 2.07 -18.89
CA THR A 118 4.65 3.26 -19.50
C THR A 118 3.68 3.68 -20.62
N VAL A 119 3.16 4.90 -20.50
CA VAL A 119 2.35 5.48 -21.57
C VAL A 119 3.25 6.40 -22.39
N SER A 120 3.37 6.11 -23.69
CA SER A 120 4.37 6.72 -24.55
C SER A 120 4.01 8.17 -24.86
N GLY B 18 -9.55 14.47 -2.74
CA GLY B 18 -10.89 14.64 -2.17
C GLY B 18 -10.82 15.63 -1.03
N ALA B 19 -11.74 16.60 -1.04
CA ALA B 19 -11.73 17.65 -0.02
C ALA B 19 -11.83 17.11 1.39
N SER B 20 -12.56 16.03 1.61
CA SER B 20 -12.78 15.48 2.92
C SER B 20 -11.87 14.29 3.24
N ASP B 21 -10.93 13.97 2.39
CA ASP B 21 -10.09 12.79 2.64
C ASP B 21 -9.25 13.06 3.88
N ILE B 22 -8.88 12.00 4.63
CA ILE B 22 -7.93 12.11 5.71
C ILE B 22 -6.55 12.35 5.14
N VAL B 23 -5.89 13.42 5.61
CA VAL B 23 -4.57 13.79 5.21
C VAL B 23 -3.57 13.29 6.24
N ILE B 24 -2.55 12.58 5.74
CA ILE B 24 -1.49 12.08 6.58
C ILE B 24 -0.20 12.76 6.22
N THR B 25 0.48 13.37 7.20
CA THR B 25 1.70 14.11 6.98
C THR B 25 2.83 13.34 7.67
N GLN B 26 3.97 13.28 7.01
CA GLN B 26 5.15 12.63 7.59
C GLN B 26 6.31 13.60 7.72
N ASP B 27 7.21 13.31 8.65
CA ASP B 27 8.38 14.16 8.83
CA ASP B 27 8.39 14.16 8.81
C ASP B 27 9.49 13.66 7.90
N GLU B 28 10.51 14.49 7.66
CA GLU B 28 11.70 14.12 6.91
C GLU B 28 12.85 13.79 7.88
N LEU B 29 13.74 12.90 7.48
CA LEU B 29 14.99 12.66 8.20
C LEU B 29 16.04 13.74 7.86
N PRO B 32 21.35 11.36 5.98
CA PRO B 32 21.68 9.95 5.78
C PRO B 32 22.02 9.37 7.13
N VAL B 33 21.56 8.17 7.37
CA VAL B 33 21.64 7.55 8.67
C VAL B 33 22.91 6.72 8.70
N THR B 34 23.67 6.79 9.77
CA THR B 34 24.82 5.93 9.94
C THR B 34 24.40 4.54 10.36
N SER B 35 24.90 3.53 9.65
CA SER B 35 24.62 2.15 9.95
C SER B 35 24.84 1.86 11.44
N GLY B 36 23.91 1.17 12.06
CA GLY B 36 23.88 0.72 13.43
C GLY B 36 23.34 1.81 14.38
N GLU B 37 22.99 3.00 13.90
CA GLU B 37 22.35 4.04 14.73
C GLU B 37 20.84 3.85 14.64
N SER B 38 20.04 4.82 15.05
CA SER B 38 18.61 4.66 15.13
C SER B 38 17.97 5.95 14.69
N VAL B 39 16.76 5.82 14.09
CA VAL B 39 15.90 6.94 13.77
C VAL B 39 14.49 6.55 14.12
N SER B 40 13.67 7.55 14.33
CA SER B 40 12.25 7.43 14.47
C SER B 40 11.57 8.30 13.42
N ILE B 41 10.54 7.77 12.79
CA ILE B 41 9.80 8.47 11.75
C ILE B 41 8.41 8.75 12.31
N SER B 42 7.96 9.96 12.13
CA SER B 42 6.66 10.34 12.67
C SER B 42 5.67 10.64 11.55
N CYS B 43 4.38 10.48 11.90
N CYS B 43 4.41 10.33 11.79
CA CYS B 43 3.24 10.50 11.01
CA CYS B 43 3.37 10.87 10.94
C CYS B 43 2.06 11.13 11.76
C CYS B 43 2.20 11.33 11.81
N ARG B 44 1.38 12.14 11.16
CA ARG B 44 0.20 12.72 11.80
C ARG B 44 -1.00 12.63 10.88
N SER B 45 -2.15 12.34 11.46
CA SER B 45 -3.38 12.29 10.68
C SER B 45 -4.29 13.47 11.00
N SER B 46 -5.07 13.90 10.00
CA SER B 46 -5.96 15.05 10.17
C SER B 46 -7.22 14.67 10.91
N LYS B 47 -7.51 13.39 11.10
CA LYS B 47 -8.62 12.88 11.90
C LYS B 47 -8.07 11.73 12.73
N SER B 48 -8.70 11.40 13.84
CA SER B 48 -8.37 10.24 14.65
C SER B 48 -8.55 8.96 13.84
N LEU B 49 -7.60 8.04 13.99
CA LEU B 49 -7.68 6.72 13.35
C LEU B 49 -8.17 5.65 14.30
N LEU B 50 -8.57 6.04 15.54
CA LEU B 50 -9.15 5.11 16.50
C LEU B 50 -10.62 4.92 16.15
N TYR B 51 -11.00 3.69 15.84
CA TYR B 51 -12.37 3.35 15.48
C TYR B 51 -13.13 2.98 16.76
N LYS B 52 -14.46 2.85 16.56
CA LYS B 52 -15.39 2.52 17.64
C LYS B 52 -15.16 1.11 18.20
N ASP B 53 -14.46 0.21 17.48
CA ASP B 53 -14.09 -1.09 17.96
C ASP B 53 -12.86 -1.08 18.88
N GLY B 54 -12.28 0.11 19.10
CA GLY B 54 -11.13 0.19 20.00
C GLY B 54 -9.77 0.04 19.33
N LYS B 55 -9.76 -0.26 18.03
CA LYS B 55 -8.52 -0.46 17.26
C LYS B 55 -8.25 0.82 16.52
N THR B 56 -6.94 1.02 16.27
CA THR B 56 -6.44 2.19 15.56
C THR B 56 -5.84 1.74 14.22
N TYR B 57 -6.46 2.18 13.12
CA TYR B 57 -6.16 1.60 11.80
C TYR B 57 -5.08 2.40 11.10
N LEU B 58 -3.85 2.20 11.57
CA LEU B 58 -2.67 2.86 11.07
C LEU B 58 -1.64 1.78 10.75
N ASN B 59 -1.17 1.81 9.50
CA ASN B 59 -0.11 0.95 9.00
C ASN B 59 1.18 1.72 8.74
N TRP B 60 2.31 1.01 8.92
CA TRP B 60 3.59 1.43 8.41
C TRP B 60 4.10 0.44 7.38
N PHE B 61 4.64 0.99 6.29
CA PHE B 61 5.29 0.21 5.24
C PHE B 61 6.69 0.72 5.02
N LEU B 62 7.56 -0.20 4.59
CA LEU B 62 8.85 0.10 3.97
C LEU B 62 8.81 -0.35 2.53
N GLN B 63 9.10 0.55 1.61
CA GLN B 63 9.32 0.15 0.21
C GLN B 63 10.80 0.30 -0.10
N ARG B 64 11.48 -0.83 -0.14
CA ARG B 64 12.88 -0.86 -0.55
C ARG B 64 12.96 -0.61 -2.05
N PRO B 65 14.11 -0.09 -2.54
CA PRO B 65 14.21 0.23 -3.96
C PRO B 65 14.01 -1.03 -4.84
N GLY B 66 13.15 -0.88 -5.82
CA GLY B 66 12.85 -1.98 -6.73
C GLY B 66 11.96 -3.06 -6.13
N GLN B 67 11.44 -2.86 -4.91
CA GLN B 67 10.61 -3.87 -4.26
CA GLN B 67 10.61 -3.87 -4.27
C GLN B 67 9.21 -3.32 -4.09
N SER B 68 8.29 -4.25 -3.78
CA SER B 68 6.96 -3.84 -3.36
CA SER B 68 6.96 -3.89 -3.35
C SER B 68 7.01 -3.34 -1.94
N PRO B 69 6.08 -2.49 -1.54
CA PRO B 69 5.98 -2.10 -0.12
C PRO B 69 5.81 -3.33 0.76
N GLN B 70 6.44 -3.33 1.92
CA GLN B 70 6.34 -4.37 2.92
C GLN B 70 5.63 -3.80 4.14
N LEU B 71 4.58 -4.47 4.59
CA LEU B 71 3.90 -4.08 5.82
C LEU B 71 4.83 -4.37 6.99
N LEU B 72 5.10 -3.34 7.77
CA LEU B 72 5.92 -3.46 8.99
C LEU B 72 5.06 -3.56 10.24
N ILE B 73 4.11 -2.66 10.35
CA ILE B 73 3.27 -2.48 11.54
C ILE B 73 1.85 -2.31 11.05
N TYR B 74 0.88 -2.94 11.71
CA TYR B 74 -0.53 -2.68 11.43
C TYR B 74 -1.25 -2.50 12.77
N LEU B 75 -2.45 -1.94 12.68
CA LEU B 75 -3.22 -1.65 13.88
C LEU B 75 -2.38 -0.82 14.85
N MET B 76 -1.59 0.09 14.30
CA MET B 76 -0.77 1.09 15.01
C MET B 76 0.48 0.48 15.64
N SER B 77 0.37 -0.67 16.29
CA SER B 77 1.45 -1.19 17.11
C SER B 77 1.74 -2.66 16.95
N THR B 78 1.03 -3.40 16.09
CA THR B 78 1.28 -4.80 15.92
C THR B 78 2.31 -5.01 14.82
N ARG B 79 3.40 -5.67 15.15
CA ARG B 79 4.43 -5.94 14.17
C ARG B 79 3.96 -7.07 13.28
N ALA B 80 4.10 -6.92 11.95
CA ALA B 80 3.69 -7.91 10.99
C ALA B 80 4.58 -9.14 11.09
N SER B 81 4.05 -10.24 10.56
CA SER B 81 4.77 -11.50 10.55
C SER B 81 6.05 -11.35 9.73
N GLY B 82 7.16 -11.82 10.26
CA GLY B 82 8.38 -11.79 9.49
C GLY B 82 9.19 -10.52 9.71
N VAL B 83 8.63 -9.53 10.41
CA VAL B 83 9.34 -8.26 10.54
C VAL B 83 10.26 -8.29 11.77
N SER B 84 11.44 -7.72 11.55
CA SER B 84 12.44 -7.62 12.61
C SER B 84 11.88 -6.84 13.80
N ASP B 85 12.21 -7.27 15.03
CA ASP B 85 11.87 -6.54 16.24
C ASP B 85 12.65 -5.22 16.43
N ARG B 86 13.50 -4.88 15.46
CA ARG B 86 14.12 -3.56 15.38
C ARG B 86 13.08 -2.49 15.07
N PHE B 87 11.92 -2.86 14.51
CA PHE B 87 10.84 -1.93 14.17
C PHE B 87 9.76 -1.98 15.23
N SER B 88 9.33 -0.83 15.70
CA SER B 88 8.25 -0.75 16.63
C SER B 88 7.36 0.44 16.34
N GLY B 89 6.06 0.26 16.48
CA GLY B 89 5.11 1.32 16.26
C GLY B 89 4.37 1.74 17.53
N SER B 90 4.12 3.02 17.64
CA SER B 90 3.35 3.56 18.76
C SER B 90 2.55 4.74 18.25
N GLY B 91 1.66 5.26 19.09
CA GLY B 91 0.94 6.45 18.70
C GLY B 91 -0.23 6.76 19.65
N SER B 92 -0.91 7.84 19.30
CA SER B 92 -2.00 8.36 20.12
C SER B 92 -3.35 8.19 19.49
N GLY B 93 -3.42 7.88 18.18
CA GLY B 93 -4.64 8.00 17.42
C GLY B 93 -4.59 9.09 16.37
N THR B 94 -3.79 10.15 16.59
CA THR B 94 -3.55 11.20 15.61
C THR B 94 -2.06 11.44 15.32
N ASP B 95 -1.18 11.00 16.19
CA ASP B 95 0.27 11.13 16.00
C ASP B 95 0.84 9.74 16.18
N PHE B 96 1.80 9.35 15.33
CA PHE B 96 2.32 8.01 15.27
C PHE B 96 3.83 8.05 15.09
N THR B 97 4.48 7.04 15.60
CA THR B 97 5.93 6.95 15.44
C THR B 97 6.35 5.51 15.15
N LEU B 98 7.24 5.38 14.17
CA LEU B 98 7.94 4.16 13.87
C LEU B 98 9.38 4.30 14.35
N GLU B 99 9.77 3.46 15.28
CA GLU B 99 11.15 3.43 15.78
C GLU B 99 11.90 2.37 15.01
N ILE B 100 13.08 2.70 14.51
CA ILE B 100 13.94 1.78 13.80
C ILE B 100 15.27 1.73 14.57
N ARG B 101 15.52 0.61 15.24
CA ARG B 101 16.77 0.39 15.97
C ARG B 101 17.80 -0.22 15.06
N ARG B 102 19.07 0.03 15.35
CA ARG B 102 20.23 -0.62 14.73
C ARG B 102 20.06 -0.67 13.21
N VAL B 103 19.98 0.46 12.60
CA VAL B 103 19.66 0.59 11.20
C VAL B 103 20.70 -0.17 10.38
N LYS B 104 20.19 -0.86 9.35
CA LYS B 104 20.97 -1.71 8.45
C LYS B 104 20.69 -1.27 7.01
N ALA B 105 21.59 -1.69 6.11
CA ALA B 105 21.42 -1.45 4.68
C ALA B 105 20.05 -1.90 4.16
N GLU B 106 19.49 -2.98 4.67
CA GLU B 106 18.22 -3.48 4.19
C GLU B 106 17.06 -2.55 4.60
N ASP B 107 17.29 -1.54 5.45
CA ASP B 107 16.26 -0.57 5.86
C ASP B 107 16.15 0.60 4.93
N VAL B 108 17.04 0.70 3.94
CA VAL B 108 16.99 1.79 3.02
C VAL B 108 15.74 1.73 2.13
N GLY B 109 15.13 2.84 1.93
CA GLY B 109 13.96 2.93 1.07
C GLY B 109 13.07 4.05 1.54
N VAL B 110 11.78 3.95 1.27
CA VAL B 110 10.83 4.97 1.64
C VAL B 110 9.80 4.33 2.58
N TYR B 111 9.58 4.96 3.71
CA TYR B 111 8.62 4.55 4.71
C TYR B 111 7.33 5.33 4.55
N TYR B 112 6.20 4.63 4.54
CA TYR B 112 4.90 5.25 4.40
C TYR B 112 4.00 4.86 5.54
N CYS B 113 3.25 5.78 6.09
N CYS B 113 3.27 5.84 6.09
CA CYS B 113 2.15 5.37 6.92
CA CYS B 113 2.08 5.62 6.89
C CYS B 113 0.86 5.51 6.11
C CYS B 113 0.87 5.42 5.99
N GLN B 114 -0.15 4.76 6.51
CA GLN B 114 -1.42 4.65 5.79
C GLN B 114 -2.53 4.46 6.80
N GLN B 115 -3.68 5.12 6.56
CA GLN B 115 -4.85 4.92 7.40
C GLN B 115 -5.88 4.07 6.67
N LEU B 116 -6.55 3.22 7.41
CA LEU B 116 -7.63 2.38 6.94
C LEU B 116 -8.93 2.60 7.75
N VAL B 117 -9.03 3.71 8.49
CA VAL B 117 -10.22 3.95 9.28
C VAL B 117 -11.39 4.39 8.42
N GLU B 118 -11.15 5.07 7.32
CA GLU B 118 -12.20 5.65 6.48
C GLU B 118 -11.84 5.46 5.03
N TYR B 119 -12.85 5.32 4.18
CA TYR B 119 -12.59 5.44 2.76
C TYR B 119 -12.52 6.89 2.30
N PRO B 120 -11.72 7.25 1.33
CA PRO B 120 -10.71 6.37 0.72
C PRO B 120 -9.55 6.17 1.71
N TYR B 121 -8.92 5.00 1.61
CA TYR B 121 -7.67 4.79 2.32
C TYR B 121 -6.66 5.78 1.77
N THR B 122 -5.81 6.35 2.64
CA THR B 122 -4.85 7.33 2.25
C THR B 122 -3.50 7.05 2.89
N PHE B 123 -2.47 7.45 2.16
CA PHE B 123 -1.07 7.31 2.54
C PHE B 123 -0.47 8.67 2.87
N GLY B 124 0.50 8.67 3.76
CA GLY B 124 1.43 9.79 3.90
C GLY B 124 2.31 9.88 2.67
N GLY B 125 3.01 10.99 2.53
CA GLY B 125 3.82 11.27 1.37
C GLY B 125 5.14 10.50 1.33
N GLY B 126 5.51 9.79 2.40
CA GLY B 126 6.70 9.00 2.47
C GLY B 126 7.86 9.76 3.12
N THR B 127 8.72 8.98 3.76
CA THR B 127 9.95 9.47 4.41
C THR B 127 11.07 8.61 3.87
N LYS B 128 12.01 9.18 3.14
CA LYS B 128 13.14 8.44 2.64
C LYS B 128 14.20 8.17 3.69
N LEU B 129 14.76 6.99 3.74
CA LEU B 129 15.90 6.68 4.56
C LEU B 129 17.03 6.25 3.64
N GLU B 130 18.19 6.91 3.79
CA GLU B 130 19.39 6.58 3.07
C GLU B 130 20.49 6.29 4.09
N ILE B 131 21.39 5.39 3.74
CA ILE B 131 22.45 4.99 4.65
C ILE B 131 23.76 5.62 4.23
N LYS B 132 24.52 6.08 5.25
CA LYS B 132 25.73 6.88 5.07
C LYS B 132 26.92 5.99 4.64
C1 RBR C . -15.03 -3.01 6.17
C10 RBR C . -12.69 -3.06 5.08
C11 RBR C . -13.46 -4.84 6.69
C12 RBR C . -14.10 -5.71 5.58
C13 RBR C . -15.51 -5.20 5.13
C14 RBR C . -15.61 -3.73 4.98
C15 RBR C . -17.08 -3.28 4.76
C16 RBR C . -17.63 -3.96 3.60
C17 RBR C . -17.50 -5.39 3.62
C18 RBR C . -18.03 -6.03 2.36
C19 RBR C . -17.65 -7.41 2.19
C2 RBR C . -15.07 -1.49 6.23
C21 RBR C . -17.29 -8.14 3.51
C22 RBR C . -16.10 -7.42 4.21
C23 RBR C . -16.04 -5.95 3.90
C24 RBR C . -15.08 -5.66 2.70
C26 RBR C . -16.02 -10.04 2.43
C27 RBR C . -16.10 -11.56 2.28
C29 RBR C . -16.93 -11.79 4.54
C3 RBR C . -14.16 -1.20 7.40
C30 RBR C . -16.93 -10.27 4.67
C32 RBR C . -12.77 0.58 8.66
C33 RBR C . -13.31 0.10 9.97
C34 RBR C . -12.70 -0.68 10.77
C35 RBR C . -12.69 0.54 6.15
C36 RBR C . -13.00 1.96 5.82
C37 RBR C . -14.41 2.09 6.27
C38 RBR C . -14.60 1.23 7.45
C4 RBR C . -13.18 -2.41 7.44
C6 RBR C . -10.84 -2.63 8.03
C7 RBR C . -9.44 -2.10 7.66
C9 RBR C . -13.55 -3.36 6.35
N25 RBR C . -17.11 -9.60 3.37
N31 RBR C . -13.49 0.13 7.43
O20 RBR C . -18.63 -8.17 1.37
O28 RBR C . -15.98 -12.19 3.54
O5 RBR C . -11.77 -1.95 7.38
O8 RBR C . -11.02 -3.58 8.71
#